data_6R8C
#
_entry.id   6R8C
#
_cell.length_a   90.663
_cell.length_b   90.663
_cell.length_c   56.997
_cell.angle_alpha   90.00
_cell.angle_beta   90.00
_cell.angle_gamma   120.00
#
_symmetry.space_group_name_H-M   'P 6'
#
loop_
_entity.id
_entity.type
_entity.pdbx_description
1 polymer 'Gag polyprotein'
2 non-polymer MYO-INOSITOL-(1,3,4,5,6)-PENTAKISPHOSPHATE
3 water water
#
_entity_poly.entity_id   1
_entity_poly.type   'polypeptide(L)'
_entity_poly.pdbx_seq_one_letter_code
;PIVQNLQGQMVHQCISPRTLNAWVKVVEEKAFSPEVIPMFSALSCGATPQDLNTMLNTVGGHQAAMQMLKETINEEAAEW
DRLHPVHIAPGQMREPRGSDIAGTTSTLQEQIGWMTHNPPIPVGEIYKRWIILGLNKIVRMYSPTSILDIRQGPKEPFRD
YVDRFYKTLRAEQTLLVQNANPDCKTILKALGPGATLEEMMTACQ
;
_entity_poly.pdbx_strand_id   A
#
# COMPACT_ATOMS: atom_id res chain seq x y z
N PRO A 1 -4.79 8.15 16.23
CA PRO A 1 -3.37 7.70 16.20
C PRO A 1 -2.70 7.91 17.57
N ILE A 2 -1.45 7.50 17.70
CA ILE A 2 -0.64 7.74 18.93
C ILE A 2 0.42 8.76 18.54
N VAL A 3 0.41 9.92 19.18
CA VAL A 3 1.41 10.97 18.83
C VAL A 3 2.07 11.51 20.10
N GLN A 4 3.20 12.15 19.90
CA GLN A 4 3.94 12.82 20.98
C GLN A 4 3.28 14.17 21.20
N ASN A 5 2.95 14.50 22.45
CA ASN A 5 2.33 15.80 22.81
C ASN A 5 3.42 16.88 22.60
N LEU A 6 3.51 17.90 23.48
CA LEU A 6 4.63 18.88 23.52
C LEU A 6 5.48 18.66 24.77
N GLN A 7 5.09 17.72 25.63
CA GLN A 7 5.83 17.28 26.84
C GLN A 7 6.41 15.86 26.65
N GLY A 8 6.46 15.38 25.39
CA GLY A 8 7.21 14.17 24.99
C GLY A 8 6.58 12.84 25.40
N GLN A 9 5.36 12.80 25.94
CA GLN A 9 4.64 11.51 26.23
C GLN A 9 3.91 11.09 24.94
N MET A 10 3.92 9.79 24.63
CA MET A 10 3.14 9.21 23.49
C MET A 10 1.70 9.05 23.95
N VAL A 11 0.78 9.79 23.32
CA VAL A 11 -0.64 9.75 23.74
C VAL A 11 -1.55 9.52 22.54
N HIS A 12 -2.73 8.99 22.81
CA HIS A 12 -3.76 8.74 21.80
C HIS A 12 -4.39 10.07 21.42
N GLN A 13 -4.61 10.24 20.13
CA GLN A 13 -5.37 11.36 19.55
C GLN A 13 -6.49 10.80 18.65
N CYS A 14 -7.65 11.42 18.65
CA CYS A 14 -8.74 11.06 17.69
C CYS A 14 -8.21 11.20 16.27
N ILE A 15 -8.59 10.28 15.40
CA ILE A 15 -8.38 10.41 13.94
C ILE A 15 -9.16 11.64 13.45
N SER A 16 -8.51 12.45 12.64
CA SER A 16 -9.05 13.78 12.23
C SER A 16 -10.05 13.59 11.10
N PRO A 17 -11.10 14.43 11.08
CA PRO A 17 -12.01 14.47 9.94
C PRO A 17 -11.28 14.67 8.59
N ARG A 18 -10.21 15.43 8.58
CA ARG A 18 -9.47 15.71 7.34
C ARG A 18 -8.85 14.38 6.87
N THR A 19 -8.28 13.62 7.80
CA THR A 19 -7.66 12.30 7.49
C THR A 19 -8.75 11.37 6.94
N LEU A 20 -9.87 11.23 7.66
CA LEU A 20 -10.99 10.32 7.31
C LEU A 20 -11.42 10.61 5.88
N ASN A 21 -11.62 11.90 5.59
CA ASN A 21 -12.15 12.36 4.29
C ASN A 21 -11.12 12.13 3.17
N ALA A 22 -9.85 12.47 3.40
CA ALA A 22 -8.73 12.26 2.44
C ALA A 22 -8.73 10.80 1.95
N TRP A 23 -8.80 9.85 2.88
CA TRP A 23 -8.70 8.41 2.55
C TRP A 23 -9.90 8.00 1.69
N VAL A 24 -11.10 8.32 2.13
CA VAL A 24 -12.34 7.95 1.41
C VAL A 24 -12.31 8.53 -0.01
N LYS A 25 -11.87 9.78 -0.16
N LYS A 25 -11.80 9.75 -0.17
CA LYS A 25 -11.81 10.46 -1.49
CA LYS A 25 -11.82 10.46 -1.48
C LYS A 25 -10.79 9.75 -2.38
C LYS A 25 -10.72 9.94 -2.40
N VAL A 26 -9.59 9.47 -1.86
CA VAL A 26 -8.51 8.89 -2.71
C VAL A 26 -8.98 7.52 -3.20
N VAL A 27 -9.69 6.76 -2.38
CA VAL A 27 -10.25 5.47 -2.86
C VAL A 27 -11.35 5.78 -3.90
N GLU A 28 -12.22 6.77 -3.70
CA GLU A 28 -13.27 7.13 -4.70
C GLU A 28 -12.61 7.48 -6.04
N GLU A 29 -11.56 8.27 -6.00
CA GLU A 29 -10.96 8.87 -7.21
C GLU A 29 -9.98 7.90 -7.90
N LYS A 30 -9.22 7.09 -7.17
CA LYS A 30 -8.05 6.34 -7.78
C LYS A 30 -8.27 4.83 -7.71
N ALA A 31 -9.29 4.38 -6.98
CA ALA A 31 -9.55 2.96 -6.72
C ALA A 31 -8.25 2.28 -6.24
N PHE A 32 -7.77 1.25 -6.95
CA PHE A 32 -6.53 0.54 -6.54
C PHE A 32 -5.41 0.77 -7.54
N SER A 33 -5.31 2.00 -8.04
CA SER A 33 -4.08 2.46 -8.70
C SER A 33 -2.96 2.36 -7.66
N PRO A 34 -1.74 1.95 -8.08
CA PRO A 34 -0.67 1.67 -7.13
C PRO A 34 -0.31 2.83 -6.18
N GLU A 35 -0.46 4.07 -6.64
CA GLU A 35 -0.13 5.26 -5.82
C GLU A 35 -1.08 5.40 -4.62
N VAL A 36 -2.17 4.62 -4.55
CA VAL A 36 -3.09 4.67 -3.37
CA VAL A 36 -3.09 4.66 -3.38
C VAL A 36 -2.36 4.09 -2.15
N ILE A 37 -1.42 3.17 -2.35
CA ILE A 37 -0.77 2.48 -1.20
C ILE A 37 0.15 3.41 -0.42
N PRO A 38 1.11 4.13 -1.03
CA PRO A 38 1.86 5.15 -0.28
C PRO A 38 0.95 6.23 0.37
N MET A 39 -0.20 6.54 -0.22
CA MET A 39 -1.12 7.53 0.40
C MET A 39 -1.75 6.89 1.64
N PHE A 40 -2.12 5.63 1.53
CA PHE A 40 -2.70 4.90 2.69
C PHE A 40 -1.70 4.89 3.83
N SER A 41 -0.46 4.45 3.54
CA SER A 41 0.63 4.43 4.53
C SER A 41 0.85 5.80 5.20
N ALA A 42 0.83 6.88 4.44
CA ALA A 42 1.04 8.25 4.98
C ALA A 42 -0.16 8.71 5.83
N LEU A 43 -1.38 8.48 5.34
CA LEU A 43 -2.60 8.93 6.06
C LEU A 43 -2.78 8.13 7.36
N SER A 44 -2.19 6.94 7.48
CA SER A 44 -2.27 6.04 8.68
C SER A 44 -0.99 6.14 9.57
N CYS A 45 -0.20 7.18 9.39
CA CYS A 45 0.97 7.46 10.24
C CYS A 45 0.53 7.52 11.71
N GLY A 46 1.11 6.66 12.56
CA GLY A 46 0.80 6.54 14.00
C GLY A 46 -0.51 5.82 14.33
N ALA A 47 -1.18 5.23 13.33
CA ALA A 47 -2.51 4.60 13.50
C ALA A 47 -2.42 3.47 14.51
N THR A 48 -3.42 3.38 15.39
CA THR A 48 -3.78 2.16 16.14
C THR A 48 -4.44 1.18 15.19
N PRO A 49 -4.53 -0.10 15.57
CA PRO A 49 -5.38 -1.02 14.83
C PRO A 49 -6.82 -0.54 14.64
N GLN A 50 -7.37 0.07 15.68
CA GLN A 50 -8.74 0.66 15.61
C GLN A 50 -8.77 1.68 14.46
N ASP A 51 -7.78 2.56 14.36
CA ASP A 51 -7.70 3.57 13.28
C ASP A 51 -7.56 2.87 11.93
N LEU A 52 -6.77 1.81 11.86
CA LEU A 52 -6.62 1.11 10.56
C LEU A 52 -7.99 0.56 10.15
N ASN A 53 -8.74 -0.08 11.06
CA ASN A 53 -10.10 -0.62 10.80
C ASN A 53 -11.04 0.51 10.39
N THR A 54 -10.98 1.67 11.04
CA THR A 54 -11.80 2.83 10.66
C THR A 54 -11.56 3.14 9.18
N MET A 55 -10.30 3.29 8.79
CA MET A 55 -9.99 3.71 7.41
C MET A 55 -10.55 2.68 6.43
N LEU A 56 -10.29 1.39 6.65
CA LEU A 56 -10.82 0.33 5.77
C LEU A 56 -12.36 0.34 5.78
N ASN A 57 -12.97 0.39 6.96
CA ASN A 57 -14.44 0.21 7.10
C ASN A 57 -15.18 1.44 6.52
N THR A 58 -14.52 2.59 6.38
CA THR A 58 -15.22 3.80 5.87
C THR A 58 -15.36 3.73 4.37
N VAL A 59 -14.65 2.80 3.72
CA VAL A 59 -14.79 2.59 2.25
C VAL A 59 -16.15 1.93 1.99
N GLY A 60 -16.94 2.54 1.11
CA GLY A 60 -18.31 2.12 0.76
C GLY A 60 -18.34 1.19 -0.43
N GLY A 61 -17.50 1.39 -1.43
CA GLY A 61 -17.46 0.54 -2.64
C GLY A 61 -16.41 -0.56 -2.52
N HIS A 62 -16.07 -1.19 -3.64
CA HIS A 62 -14.95 -2.15 -3.74
C HIS A 62 -15.10 -3.26 -2.69
N GLN A 63 -16.32 -3.71 -2.40
CA GLN A 63 -16.48 -4.74 -1.32
C GLN A 63 -15.87 -6.10 -1.70
N ALA A 64 -15.68 -6.43 -2.97
CA ALA A 64 -14.91 -7.64 -3.36
C ALA A 64 -13.47 -7.49 -2.83
N ALA A 65 -12.85 -6.34 -3.08
CA ALA A 65 -11.47 -6.02 -2.63
C ALA A 65 -11.44 -6.07 -1.11
N MET A 66 -12.42 -5.45 -0.44
N MET A 66 -12.41 -5.43 -0.44
CA MET A 66 -12.38 -5.35 1.05
CA MET A 66 -12.42 -5.36 1.05
C MET A 66 -12.60 -6.75 1.67
C MET A 66 -12.50 -6.79 1.61
N GLN A 67 -13.27 -7.67 0.96
CA GLN A 67 -13.36 -9.09 1.43
C GLN A 67 -12.01 -9.81 1.20
N MET A 68 -11.39 -9.65 0.04
CA MET A 68 -10.07 -10.26 -0.20
C MET A 68 -9.10 -9.76 0.85
N LEU A 69 -9.17 -8.49 1.22
CA LEU A 69 -8.25 -7.92 2.21
C LEU A 69 -8.45 -8.59 3.58
N LYS A 70 -9.69 -8.81 3.99
CA LYS A 70 -10.00 -9.56 5.23
C LYS A 70 -9.34 -10.95 5.20
N GLU A 71 -9.34 -11.58 4.05
CA GLU A 71 -8.81 -12.96 3.89
C GLU A 71 -7.29 -12.93 4.12
N THR A 72 -6.60 -11.96 3.52
CA THR A 72 -5.15 -11.79 3.67
C THR A 72 -4.84 -11.51 5.15
N ILE A 73 -5.57 -10.59 5.77
CA ILE A 73 -5.41 -10.23 7.20
C ILE A 73 -5.58 -11.51 8.02
N ASN A 74 -6.62 -12.30 7.76
CA ASN A 74 -6.86 -13.55 8.56
C ASN A 74 -5.69 -14.54 8.38
N GLU A 75 -5.13 -14.65 7.18
CA GLU A 75 -3.95 -15.52 6.91
C GLU A 75 -2.72 -15.01 7.68
N GLU A 76 -2.46 -13.69 7.70
CA GLU A 76 -1.28 -13.15 8.40
C GLU A 76 -1.48 -13.32 9.91
N ALA A 77 -2.70 -13.12 10.41
CA ALA A 77 -3.06 -13.29 11.81
C ALA A 77 -2.78 -14.76 12.22
N ALA A 78 -3.07 -15.71 11.34
CA ALA A 78 -2.95 -17.15 11.69
C ALA A 78 -1.46 -17.46 11.79
N GLU A 79 -0.65 -16.88 10.90
CA GLU A 79 0.83 -17.04 10.89
C GLU A 79 1.43 -16.37 12.11
N TRP A 80 0.93 -15.18 12.52
CA TRP A 80 1.30 -14.57 13.82
C TRP A 80 1.08 -15.56 14.98
N ASP A 81 -0.09 -16.18 15.04
CA ASP A 81 -0.45 -17.08 16.17
C ASP A 81 0.42 -18.33 16.13
N ARG A 82 0.82 -18.77 14.95
CA ARG A 82 1.70 -19.94 14.74
C ARG A 82 3.06 -19.62 15.39
N LEU A 83 3.55 -18.40 15.19
CA LEU A 83 4.91 -17.98 15.64
C LEU A 83 4.90 -17.50 17.10
N HIS A 84 3.75 -17.10 17.64
CA HIS A 84 3.64 -16.42 18.95
C HIS A 84 2.41 -16.89 19.70
N PRO A 85 2.38 -18.16 20.14
CA PRO A 85 1.27 -18.66 20.95
C PRO A 85 1.20 -17.87 22.27
N VAL A 86 0.03 -17.80 22.90
CA VAL A 86 -0.19 -17.08 24.18
C VAL A 86 -0.83 -18.04 25.19
N HIS A 87 -0.81 -17.73 26.50
CA HIS A 87 -1.56 -18.48 27.54
C HIS A 87 -2.99 -17.93 27.62
N ILE A 88 -5.04 -13.94 33.15
CA ILE A 88 -3.93 -12.93 33.10
C ILE A 88 -3.65 -12.44 34.52
N ALA A 89 -2.38 -12.11 34.80
CA ALA A 89 -1.92 -11.51 36.07
C ALA A 89 -2.68 -10.19 36.30
N PRO A 90 -3.33 -9.98 37.47
CA PRO A 90 -3.99 -8.71 37.78
C PRO A 90 -3.13 -7.47 37.49
N GLY A 91 -3.71 -6.51 36.77
CA GLY A 91 -3.08 -5.24 36.34
C GLY A 91 -1.94 -5.45 35.36
N GLN A 92 -1.71 -6.66 34.83
CA GLN A 92 -0.58 -6.89 33.90
C GLN A 92 -1.08 -6.97 32.45
N MET A 93 -0.19 -6.62 31.53
CA MET A 93 -0.39 -6.56 30.06
C MET A 93 -0.47 -7.99 29.51
N ARG A 94 -1.58 -8.36 28.85
CA ARG A 94 -1.66 -9.69 28.16
C ARG A 94 -0.89 -9.57 26.84
N GLU A 95 -0.42 -10.69 26.29
CA GLU A 95 0.30 -10.75 25.00
C GLU A 95 -0.75 -10.71 23.87
N PRO A 96 -0.48 -9.98 22.77
CA PRO A 96 -1.46 -9.93 21.67
C PRO A 96 -1.46 -11.17 20.77
N ARG A 97 -2.66 -11.66 20.42
CA ARG A 97 -2.90 -12.67 19.36
C ARG A 97 -3.05 -11.93 18.03
N GLY A 98 -3.19 -12.66 16.91
CA GLY A 98 -3.41 -12.11 15.55
C GLY A 98 -4.59 -11.17 15.51
N SER A 99 -5.72 -11.63 16.04
CA SER A 99 -7.02 -10.89 16.08
C SER A 99 -6.90 -9.66 16.99
N ASP A 100 -5.94 -9.66 17.93
CA ASP A 100 -5.67 -8.47 18.79
C ASP A 100 -4.97 -7.42 17.93
N ILE A 101 -3.98 -7.82 17.15
CA ILE A 101 -3.20 -6.94 16.25
C ILE A 101 -4.12 -6.38 15.15
N ALA A 102 -5.07 -7.19 14.66
CA ALA A 102 -6.07 -6.78 13.64
C ALA A 102 -7.21 -5.96 14.26
N GLY A 103 -7.15 -5.75 15.58
CA GLY A 103 -8.07 -4.84 16.29
C GLY A 103 -9.48 -5.36 16.42
N THR A 104 -9.74 -6.66 16.21
CA THR A 104 -11.12 -7.21 16.27
C THR A 104 -11.39 -7.86 17.64
N THR A 105 -10.36 -8.26 18.39
CA THR A 105 -10.55 -8.82 19.76
C THR A 105 -9.83 -8.01 20.82
N SER A 106 -9.26 -6.84 20.48
CA SER A 106 -8.52 -5.99 21.43
C SER A 106 -9.26 -4.66 21.58
N THR A 107 -9.16 -4.04 22.75
CA THR A 107 -9.78 -2.71 23.00
C THR A 107 -8.79 -1.63 22.58
N LEU A 108 -9.26 -0.40 22.46
CA LEU A 108 -8.37 0.74 22.22
C LEU A 108 -7.37 0.83 23.38
N GLN A 109 -7.81 0.69 24.62
CA GLN A 109 -6.90 0.76 25.81
C GLN A 109 -5.75 -0.25 25.66
N GLU A 110 -6.05 -1.50 25.35
CA GLU A 110 -5.03 -2.54 25.15
C GLU A 110 -4.05 -2.13 24.04
N GLN A 111 -4.58 -1.63 22.92
CA GLN A 111 -3.74 -1.24 21.75
C GLN A 111 -2.78 -0.12 22.18
N ILE A 112 -3.27 0.88 22.91
CA ILE A 112 -2.44 2.00 23.46
C ILE A 112 -1.37 1.43 24.41
N GLY A 113 -1.76 0.53 25.30
CA GLY A 113 -0.79 -0.09 26.25
C GLY A 113 0.34 -0.77 25.51
N TRP A 114 0.03 -1.57 24.48
CA TRP A 114 1.07 -2.33 23.71
C TRP A 114 1.97 -1.34 23.01
N MET A 115 1.37 -0.40 22.28
CA MET A 115 2.14 0.54 21.43
C MET A 115 2.98 1.48 22.29
N THR A 116 2.61 1.74 23.55
CA THR A 116 3.36 2.71 24.42
C THR A 116 4.13 1.98 25.51
N HIS A 117 4.10 0.66 25.50
CA HIS A 117 4.89 -0.16 26.46
C HIS A 117 6.36 0.18 26.24
N ASN A 118 7.16 -0.05 27.27
CA ASN A 118 8.63 -0.01 27.21
C ASN A 118 9.12 -1.41 27.56
N PRO A 119 9.57 -2.22 26.57
CA PRO A 119 9.59 -1.83 25.16
C PRO A 119 8.25 -2.03 24.46
N PRO A 120 7.96 -1.20 23.45
CA PRO A 120 6.66 -1.22 22.76
C PRO A 120 6.47 -2.48 21.90
N ILE A 121 5.22 -2.93 21.82
CA ILE A 121 4.76 -3.94 20.85
C ILE A 121 3.96 -3.18 19.81
N PRO A 122 4.53 -2.94 18.61
CA PRO A 122 4.03 -1.90 17.72
C PRO A 122 2.85 -2.47 16.91
N VAL A 123 1.73 -2.75 17.57
CA VAL A 123 0.65 -3.54 16.92
C VAL A 123 0.10 -2.76 15.71
N GLY A 124 0.12 -1.42 15.74
CA GLY A 124 -0.33 -0.60 14.60
C GLY A 124 0.56 -0.84 13.38
N GLU A 125 1.87 -0.87 13.54
CA GLU A 125 2.82 -1.10 12.42
C GLU A 125 2.74 -2.55 11.92
N ILE A 126 2.51 -3.54 12.78
CA ILE A 126 2.42 -4.97 12.36
C ILE A 126 1.17 -5.11 11.50
N TYR A 127 0.04 -4.62 12.00
CA TYR A 127 -1.26 -4.67 11.28
C TYR A 127 -1.14 -3.94 9.95
N LYS A 128 -0.52 -2.76 9.93
CA LYS A 128 -0.37 -1.96 8.68
C LYS A 128 0.39 -2.79 7.63
N ARG A 129 1.44 -3.52 8.03
CA ARG A 129 2.21 -4.41 7.12
C ARG A 129 1.28 -5.47 6.49
N TRP A 130 0.42 -6.09 7.29
CA TRP A 130 -0.56 -7.08 6.81
C TRP A 130 -1.52 -6.44 5.81
N ILE A 131 -2.01 -5.24 6.13
CA ILE A 131 -3.00 -4.54 5.27
C ILE A 131 -2.33 -4.22 3.93
N ILE A 132 -1.10 -3.73 3.96
CA ILE A 132 -0.38 -3.32 2.73
C ILE A 132 -0.06 -4.56 1.88
N LEU A 133 0.31 -5.66 2.51
CA LEU A 133 0.46 -6.96 1.78
C LEU A 133 -0.84 -7.25 1.01
N GLY A 134 -2.00 -7.13 1.67
CA GLY A 134 -3.29 -7.43 1.03
C GLY A 134 -3.62 -6.43 -0.07
N LEU A 135 -3.33 -5.16 0.19
CA LEU A 135 -3.60 -4.09 -0.80
C LEU A 135 -2.75 -4.32 -2.05
N ASN A 136 -1.49 -4.74 -1.89
CA ASN A 136 -0.59 -4.95 -3.05
C ASN A 136 -1.19 -6.06 -3.94
N LYS A 137 -1.77 -7.10 -3.35
CA LYS A 137 -2.41 -8.22 -4.08
C LYS A 137 -3.56 -7.66 -4.89
N ILE A 138 -4.33 -6.71 -4.32
CA ILE A 138 -5.51 -6.08 -4.96
C ILE A 138 -5.00 -5.19 -6.11
N VAL A 139 -3.97 -4.37 -5.87
CA VAL A 139 -3.37 -3.53 -6.93
C VAL A 139 -3.02 -4.43 -8.12
N ARG A 140 -2.32 -5.54 -7.87
CA ARG A 140 -1.87 -6.46 -8.96
C ARG A 140 -3.09 -7.00 -9.70
N MET A 141 -4.07 -7.45 -8.93
CA MET A 141 -5.30 -8.09 -9.47
C MET A 141 -6.05 -7.11 -10.37
N TYR A 142 -6.15 -5.84 -9.96
CA TYR A 142 -6.98 -4.84 -10.67
C TYR A 142 -6.16 -4.10 -11.75
N SER A 143 -4.88 -4.42 -11.84
CA SER A 143 -4.04 -3.91 -12.94
C SER A 143 -4.76 -4.25 -14.25
N PRO A 144 -5.16 -3.27 -15.09
CA PRO A 144 -5.96 -3.60 -16.25
C PRO A 144 -5.23 -4.15 -17.47
N THR A 145 -3.91 -3.94 -17.63
CA THR A 145 -3.24 -4.56 -18.82
C THR A 145 -1.83 -5.06 -18.52
N SER A 146 -1.49 -6.11 -19.26
CA SER A 146 -0.17 -6.76 -19.23
C SER A 146 0.85 -5.80 -19.84
N ILE A 147 2.04 -5.75 -19.25
CA ILE A 147 3.20 -5.05 -19.86
C ILE A 147 3.41 -5.55 -21.30
N LEU A 148 3.06 -6.80 -21.62
CA LEU A 148 3.23 -7.38 -23.00
C LEU A 148 2.36 -6.60 -23.98
N ASP A 149 1.29 -5.96 -23.52
CA ASP A 149 0.34 -5.23 -24.41
C ASP A 149 0.63 -3.72 -24.42
N ILE A 150 1.67 -3.24 -23.72
CA ILE A 150 2.09 -1.80 -23.81
C ILE A 150 3.11 -1.67 -24.93
N ARG A 151 2.62 -1.23 -26.10
CA ARG A 151 3.43 -1.01 -27.32
CA ARG A 151 3.45 -1.01 -27.31
C ARG A 151 3.20 0.41 -27.81
N GLN A 152 4.28 1.04 -28.27
CA GLN A 152 4.27 2.44 -28.73
C GLN A 152 3.46 2.49 -30.04
N GLY A 153 2.52 3.41 -30.09
CA GLY A 153 1.76 3.77 -31.30
C GLY A 153 2.67 4.37 -32.37
N PRO A 154 2.34 4.17 -33.66
CA PRO A 154 3.13 4.72 -34.76
C PRO A 154 3.38 6.23 -34.70
N LYS A 155 2.44 7.00 -34.14
CA LYS A 155 2.52 8.48 -33.97
C LYS A 155 2.59 8.83 -32.48
N GLU A 156 2.72 7.84 -31.60
CA GLU A 156 2.72 8.13 -30.15
C GLU A 156 4.08 8.69 -29.77
N PRO A 157 4.12 9.88 -29.15
CA PRO A 157 5.37 10.41 -28.60
C PRO A 157 5.97 9.39 -27.64
N PHE A 158 7.28 9.25 -27.69
CA PHE A 158 8.01 8.23 -26.91
C PHE A 158 7.75 8.46 -25.42
N ARG A 159 7.72 9.73 -24.99
CA ARG A 159 7.48 10.06 -23.56
C ARG A 159 6.15 9.44 -23.11
N ASP A 160 5.10 9.56 -23.93
CA ASP A 160 3.73 9.11 -23.56
C ASP A 160 3.73 7.59 -23.45
N TYR A 161 4.48 6.93 -24.34
CA TYR A 161 4.62 5.45 -24.32
C TYR A 161 5.37 5.04 -23.04
N VAL A 162 6.49 5.69 -22.70
CA VAL A 162 7.26 5.33 -21.47
C VAL A 162 6.38 5.51 -20.23
N ASP A 163 5.60 6.59 -20.17
CA ASP A 163 4.62 6.83 -19.08
C ASP A 163 3.68 5.61 -18.97
N ARG A 164 3.15 5.11 -20.10
CA ARG A 164 2.19 3.97 -20.07
C ARG A 164 2.91 2.73 -19.56
N PHE A 165 4.14 2.55 -20.02
CA PHE A 165 4.94 1.33 -19.80
C PHE A 165 5.26 1.22 -18.30
N TYR A 166 5.77 2.27 -17.70
CA TYR A 166 6.20 2.25 -16.27
C TYR A 166 4.99 2.34 -15.34
N LYS A 167 3.88 2.93 -15.77
CA LYS A 167 2.59 2.92 -15.03
C LYS A 167 2.10 1.47 -14.93
N THR A 168 2.17 0.73 -16.03
CA THR A 168 1.75 -0.71 -16.09
C THR A 168 2.67 -1.57 -15.23
N LEU A 169 3.97 -1.46 -15.43
CA LEU A 169 4.98 -2.20 -14.64
C LEU A 169 4.68 -1.96 -13.16
N ARG A 170 4.38 -0.72 -12.77
CA ARG A 170 4.19 -0.41 -11.33
C ARG A 170 2.97 -1.19 -10.81
N ALA A 171 1.86 -1.21 -11.55
CA ALA A 171 0.60 -1.92 -11.15
C ALA A 171 0.83 -3.45 -11.11
N GLU A 172 1.53 -3.99 -12.12
CA GLU A 172 1.91 -5.43 -12.21
C GLU A 172 2.97 -5.83 -11.17
N GLN A 173 3.72 -4.87 -10.64
CA GLN A 173 4.93 -5.06 -9.78
C GLN A 173 5.92 -5.97 -10.49
N THR A 174 15.06 -4.21 -21.72
CA THR A 174 14.97 -3.93 -23.17
C THR A 174 13.62 -4.41 -23.74
N LEU A 175 12.64 -4.76 -22.91
CA LEU A 175 11.22 -4.87 -23.36
C LEU A 175 10.76 -3.46 -23.80
N LEU A 176 11.27 -2.41 -23.17
CA LEU A 176 10.93 -1.01 -23.54
C LEU A 176 11.32 -0.74 -24.99
N VAL A 177 12.51 -1.20 -25.40
CA VAL A 177 12.98 -1.09 -26.80
C VAL A 177 12.14 -1.99 -27.70
N GLN A 178 11.97 -3.27 -27.33
CA GLN A 178 11.24 -4.27 -28.14
C GLN A 178 9.85 -3.73 -28.47
N ASN A 179 9.21 -3.04 -27.52
CA ASN A 179 7.80 -2.61 -27.62
C ASN A 179 7.70 -1.21 -28.23
N ALA A 180 8.83 -0.54 -28.47
CA ALA A 180 8.90 0.77 -29.13
C ALA A 180 8.44 0.63 -30.58
N ASN A 181 8.02 1.72 -31.22
CA ASN A 181 7.65 1.73 -32.66
C ASN A 181 8.92 1.64 -33.52
N PRO A 182 8.80 1.32 -34.84
CA PRO A 182 9.98 1.11 -35.68
C PRO A 182 11.00 2.26 -35.67
N ASP A 183 10.52 3.50 -35.76
CA ASP A 183 11.34 4.75 -35.84
C ASP A 183 12.17 4.90 -34.58
N CYS A 184 11.58 4.74 -33.41
CA CYS A 184 12.34 4.86 -32.13
CA CYS A 184 12.39 4.86 -32.17
C CYS A 184 13.18 3.61 -31.89
N LYS A 185 12.65 2.45 -32.27
CA LYS A 185 13.42 1.21 -32.09
C LYS A 185 14.77 1.39 -32.80
N THR A 186 14.73 1.89 -34.03
CA THR A 186 15.90 2.21 -34.87
C THR A 186 16.86 3.10 -34.07
N ILE A 187 16.36 4.22 -33.56
CA ILE A 187 17.20 5.21 -32.82
C ILE A 187 17.76 4.56 -31.57
N LEU A 188 16.94 3.82 -30.83
CA LEU A 188 17.35 3.18 -29.56
C LEU A 188 18.38 2.07 -29.84
N LYS A 189 18.15 1.25 -30.88
CA LYS A 189 19.12 0.19 -31.27
C LYS A 189 20.52 0.81 -31.45
N ALA A 190 20.61 1.93 -32.18
CA ALA A 190 21.87 2.65 -32.48
C ALA A 190 22.54 3.22 -31.21
N LEU A 191 21.81 3.51 -30.13
CA LEU A 191 22.40 4.10 -28.90
C LEU A 191 23.44 3.14 -28.31
N GLY A 192 23.35 1.85 -28.63
CA GLY A 192 24.25 0.82 -28.08
C GLY A 192 23.83 0.47 -26.66
N PRO A 193 24.62 -0.35 -25.94
CA PRO A 193 24.18 -0.89 -24.65
C PRO A 193 24.40 0.16 -23.55
N GLY A 194 23.69 0.00 -22.42
CA GLY A 194 23.89 0.75 -21.17
C GLY A 194 23.34 2.17 -21.19
N ALA A 195 22.56 2.55 -22.22
CA ALA A 195 21.88 3.86 -22.32
C ALA A 195 20.98 4.06 -21.09
N THR A 196 21.01 5.23 -20.47
CA THR A 196 20.08 5.61 -19.37
C THR A 196 18.70 5.89 -19.98
N LEU A 197 17.67 5.96 -19.12
CA LEU A 197 16.30 6.26 -19.62
C LEU A 197 16.30 7.67 -20.17
N GLU A 198 16.93 8.61 -19.47
CA GLU A 198 17.06 10.02 -19.93
C GLU A 198 17.66 10.05 -21.34
N GLU A 199 18.69 9.23 -21.61
CA GLU A 199 19.40 9.22 -22.91
C GLU A 199 18.43 8.72 -23.98
N MET A 200 17.66 7.68 -23.64
CA MET A 200 16.70 7.02 -24.55
C MET A 200 15.60 8.01 -24.92
N MET A 201 15.13 8.76 -23.92
CA MET A 201 13.98 9.68 -24.09
C MET A 201 14.42 10.95 -24.84
N THR A 202 15.62 11.43 -24.56
CA THR A 202 16.26 12.55 -25.32
C THR A 202 16.35 12.18 -26.80
N ALA A 203 16.88 10.97 -27.09
CA ALA A 203 17.19 10.43 -28.43
C ALA A 203 15.92 10.37 -29.26
N CYS A 204 14.83 9.95 -28.63
CA CYS A 204 13.52 9.69 -29.27
C CYS A 204 12.66 10.97 -29.26
N GLN A 205 13.17 12.10 -28.77
CA GLN A 205 12.39 13.37 -28.66
C GLN A 205 12.34 14.07 -30.02
#